data_2OFK
#
_entry.id   2OFK
#
_cell.length_a   57.455
_cell.length_b   63.681
_cell.length_c   62.127
_cell.angle_alpha   90.00
_cell.angle_beta   106.94
_cell.angle_gamma   90.00
#
_symmetry.space_group_name_H-M   'P 1 21 1'
#
loop_
_entity.id
_entity.type
_entity.pdbx_description
1 polymer '3-methyladenine DNA glycosylase I, constitutive'
2 non-polymer 'ZINC ION'
3 non-polymer 'TRIETHYLENE GLYCOL'
4 water water
#
_entity_poly.entity_id   1
_entity_poly.type   'polypeptide(L)'
_entity_poly.pdbx_seq_one_letter_code
;MQRCDWVSQDPLYIAYHDNEWGVPETDSRKLFEMICLEGQQAGLSWITVLKKRENYRACFHQFDPIRIAAMQEEDVERLL
QNTGIIRHRGKIQAIISNARAWLAMEQNGESFADFVWSFVDGQPQITQAASLDKIPTSTPASDALAKALKKRGFKFVGTT
ICYSFMQACGLVNDHITGCFCHP
;
_entity_poly.pdbx_strand_id   A,B
#
# COMPACT_ATOMS: atom_id res chain seq x y z
N GLN A 2 -12.59 -3.66 -36.94
CA GLN A 2 -13.42 -3.67 -35.70
C GLN A 2 -12.66 -4.33 -34.55
N ARG A 3 -12.92 -3.87 -33.33
CA ARG A 3 -12.34 -4.45 -32.12
C ARG A 3 -13.46 -4.91 -31.22
N CYS A 4 -13.15 -5.76 -30.25
CA CYS A 4 -14.11 -6.03 -29.17
C CYS A 4 -14.72 -4.76 -28.60
N ASP A 5 -15.99 -4.83 -28.26
CA ASP A 5 -16.77 -3.66 -27.86
C ASP A 5 -16.34 -3.11 -26.48
N TRP A 6 -15.80 -3.97 -25.62
CA TRP A 6 -15.40 -3.54 -24.29
C TRP A 6 -14.14 -2.67 -24.20
N VAL A 7 -13.36 -2.58 -25.29
CA VAL A 7 -12.19 -1.72 -25.30
C VAL A 7 -12.62 -0.25 -25.33
N SER A 8 -11.87 0.63 -24.66
CA SER A 8 -12.17 2.06 -24.68
C SER A 8 -11.34 2.75 -25.77
N GLN A 9 -11.35 4.07 -25.76
CA GLN A 9 -10.54 4.85 -26.71
C GLN A 9 -9.14 5.10 -26.14
N ASP A 10 -8.91 4.63 -24.92
CA ASP A 10 -7.61 4.83 -24.28
C ASP A 10 -6.49 4.02 -24.98
N PRO A 11 -5.42 4.67 -25.47
CA PRO A 11 -4.45 3.87 -26.24
C PRO A 11 -3.76 2.76 -25.44
N LEU A 12 -3.63 2.93 -24.11
CA LEU A 12 -3.04 1.91 -23.25
C LEU A 12 -3.94 0.67 -23.32
N TYR A 13 -5.24 0.90 -23.33
CA TYR A 13 -6.18 -0.23 -23.28
C TYR A 13 -6.27 -0.88 -24.68
N ILE A 14 -6.25 -0.06 -25.73
CA ILE A 14 -6.30 -0.58 -27.10
C ILE A 14 -5.10 -1.49 -27.35
N ALA A 15 -3.91 -1.02 -26.97
CA ALA A 15 -2.70 -1.83 -27.11
C ALA A 15 -2.84 -3.14 -26.34
N TYR A 16 -3.36 -3.07 -25.11
CA TYR A 16 -3.59 -4.26 -24.27
C TYR A 16 -4.51 -5.25 -25.00
N HIS A 17 -5.64 -4.78 -25.50
CA HIS A 17 -6.57 -5.62 -26.27
C HIS A 17 -5.89 -6.23 -27.51
N ASP A 18 -5.14 -5.39 -28.24
CA ASP A 18 -4.63 -5.78 -29.54
C ASP A 18 -3.46 -6.73 -29.40
N ASN A 19 -2.67 -6.54 -28.34
CA ASN A 19 -1.39 -7.25 -28.23
C ASN A 19 -1.24 -8.34 -27.16
N GLU A 20 -2.10 -8.33 -26.15
CA GLU A 20 -1.96 -9.19 -24.98
C GLU A 20 -3.21 -10.04 -24.72
N TRP A 21 -4.38 -9.44 -24.75
CA TRP A 21 -5.57 -10.19 -24.32
C TRP A 21 -5.91 -11.33 -25.28
N GLY A 22 -6.12 -12.52 -24.71
CA GLY A 22 -6.45 -13.71 -25.50
C GLY A 22 -5.27 -14.35 -26.19
N VAL A 23 -4.07 -13.81 -25.99
CA VAL A 23 -2.87 -14.39 -26.60
C VAL A 23 -2.35 -15.48 -25.66
N PRO A 24 -2.24 -16.72 -26.16
CA PRO A 24 -1.83 -17.77 -25.22
C PRO A 24 -0.52 -17.49 -24.50
N GLU A 25 -0.56 -17.59 -23.18
CA GLU A 25 0.61 -17.38 -22.32
C GLU A 25 0.98 -18.68 -21.61
N THR A 26 2.22 -19.15 -21.82
CA THR A 26 2.60 -20.46 -21.29
C THR A 26 3.76 -20.37 -20.31
N ASP A 27 4.21 -19.15 -20.04
CA ASP A 27 5.28 -18.99 -19.07
C ASP A 27 4.73 -18.90 -17.67
N SER A 28 5.23 -19.75 -16.78
CA SER A 28 4.72 -19.86 -15.42
C SER A 28 4.76 -18.56 -14.63
N ARG A 29 5.85 -17.83 -14.76
CA ARG A 29 6.04 -16.55 -14.01
C ARG A 29 5.12 -15.49 -14.54
N LYS A 30 4.95 -15.45 -15.86
CA LYS A 30 4.01 -14.51 -16.48
C LYS A 30 2.55 -14.80 -16.15
N LEU A 31 2.23 -16.09 -16.06
CA LEU A 31 0.91 -16.53 -15.59
C LEU A 31 0.69 -16.15 -14.15
N PHE A 32 1.74 -16.30 -13.33
CA PHE A 32 1.67 -15.88 -11.94
C PHE A 32 1.34 -14.37 -11.83
N GLU A 33 2.07 -13.55 -12.59
CA GLU A 33 1.81 -12.10 -12.56
C GLU A 33 0.34 -11.80 -12.92
N MET A 34 -0.21 -12.49 -13.93
CA MET A 34 -1.56 -12.19 -14.37
C MET A 34 -2.62 -12.71 -13.39
N ILE A 35 -2.42 -13.85 -12.75
CA ILE A 35 -3.44 -14.25 -11.74
C ILE A 35 -3.46 -13.25 -10.60
N CYS A 36 -2.29 -12.68 -10.27
CA CYS A 36 -2.26 -11.62 -9.26
C CYS A 36 -2.94 -10.35 -9.74
N LEU A 37 -2.60 -9.87 -10.93
CA LEU A 37 -3.23 -8.63 -11.43
C LEU A 37 -4.74 -8.82 -11.57
N GLU A 38 -5.18 -10.02 -11.92
CA GLU A 38 -6.62 -10.25 -12.04
C GLU A 38 -7.33 -10.17 -10.68
N GLY A 39 -6.66 -10.65 -9.63
CA GLY A 39 -7.25 -10.58 -8.30
C GLY A 39 -7.30 -9.13 -7.81
N GLN A 40 -6.28 -8.35 -8.15
CA GLN A 40 -6.28 -6.90 -7.81
C GLN A 40 -7.48 -6.15 -8.40
N GLN A 41 -8.03 -6.66 -9.49
CA GLN A 41 -9.13 -6.01 -10.16
C GLN A 41 -10.48 -6.33 -9.50
N ALA A 42 -10.53 -7.19 -8.48
CA ALA A 42 -11.83 -7.55 -7.90
C ALA A 42 -12.57 -6.32 -7.40
N GLY A 43 -13.83 -6.18 -7.82
CA GLY A 43 -14.62 -4.99 -7.44
C GLY A 43 -14.31 -3.69 -8.20
N LEU A 44 -13.35 -3.75 -9.13
CA LEU A 44 -12.82 -2.57 -9.85
C LEU A 44 -12.87 -2.87 -11.35
N SER A 45 -12.37 -1.93 -12.15
CA SER A 45 -12.29 -2.05 -13.59
C SER A 45 -10.86 -2.44 -14.00
N TRP A 46 -10.69 -3.06 -15.16
CA TRP A 46 -9.37 -3.44 -15.60
C TRP A 46 -8.48 -2.21 -15.81
N ILE A 47 -9.02 -1.11 -16.35
CA ILE A 47 -8.15 0.03 -16.68
C ILE A 47 -7.42 0.52 -15.42
N THR A 48 -8.11 0.44 -14.27
CA THR A 48 -7.47 0.88 -13.01
C THR A 48 -6.22 0.07 -12.73
N VAL A 49 -6.29 -1.23 -12.98
CA VAL A 49 -5.18 -2.13 -12.70
C VAL A 49 -4.12 -1.99 -13.80
N LEU A 50 -4.57 -1.95 -15.05
CA LEU A 50 -3.65 -1.81 -16.19
C LEU A 50 -2.77 -0.57 -16.08
N LYS A 51 -3.38 0.57 -15.72
CA LYS A 51 -2.65 1.84 -15.59
C LYS A 51 -1.65 1.78 -14.45
N LYS A 52 -1.88 0.87 -13.51
CA LYS A 52 -0.98 0.67 -12.39
C LYS A 52 0.03 -0.49 -12.57
N ARG A 53 0.00 -1.19 -13.69
CA ARG A 53 0.81 -2.42 -13.80
C ARG A 53 2.31 -2.19 -13.59
N GLU A 54 2.86 -1.11 -14.16
CA GLU A 54 4.28 -0.81 -13.96
C GLU A 54 4.60 -0.53 -12.49
N ASN A 55 3.66 0.09 -11.78
CA ASN A 55 3.82 0.36 -10.35
C ASN A 55 3.84 -0.98 -9.58
N TYR A 56 2.94 -1.91 -9.95
CA TYR A 56 2.96 -3.24 -9.34
C TYR A 56 4.29 -3.93 -9.59
N ARG A 57 4.77 -3.88 -10.84
CA ARG A 57 6.04 -4.57 -11.15
C ARG A 57 7.15 -3.96 -10.33
N ALA A 58 7.06 -2.65 -10.08
CA ALA A 58 8.09 -1.98 -9.27
C ALA A 58 8.02 -2.32 -7.78
N CYS A 59 6.85 -2.49 -7.18
CA CYS A 59 6.96 -2.74 -5.74
C CYS A 59 6.74 -4.18 -5.35
N PHE A 60 6.53 -5.06 -6.36
CA PHE A 60 6.50 -6.49 -6.15
C PHE A 60 7.61 -7.20 -6.89
N HIS A 61 8.77 -6.54 -6.96
CA HIS A 61 9.97 -7.22 -7.45
C HIS A 61 9.79 -7.89 -8.81
N GLN A 62 9.14 -7.19 -9.74
CA GLN A 62 8.89 -7.70 -11.10
C GLN A 62 8.18 -9.06 -11.09
N PHE A 63 7.36 -9.29 -10.07
CA PHE A 63 6.60 -10.52 -9.87
C PHE A 63 7.50 -11.77 -9.83
N ASP A 64 8.67 -11.62 -9.24
CA ASP A 64 9.52 -12.75 -8.87
C ASP A 64 8.92 -13.40 -7.61
N PRO A 65 8.38 -14.63 -7.71
CA PRO A 65 7.76 -15.19 -6.51
C PRO A 65 8.68 -15.41 -5.30
N ILE A 66 9.97 -15.63 -5.54
CA ILE A 66 10.90 -15.84 -4.41
C ILE A 66 10.96 -14.61 -3.50
N ARG A 67 11.13 -13.44 -4.11
CA ARG A 67 11.29 -12.21 -3.32
C ARG A 67 9.96 -11.81 -2.74
N ILE A 68 8.88 -12.03 -3.48
CA ILE A 68 7.57 -11.68 -2.95
C ILE A 68 7.24 -12.56 -1.77
N ALA A 69 7.56 -13.85 -1.84
CA ALA A 69 7.17 -14.74 -0.77
C ALA A 69 7.80 -14.38 0.56
N ALA A 70 8.95 -13.70 0.51
CA ALA A 70 9.70 -13.31 1.70
C ALA A 70 9.15 -12.04 2.34
N MET A 71 8.16 -11.43 1.70
CA MET A 71 7.58 -10.19 2.27
C MET A 71 6.86 -10.47 3.58
N GLN A 72 6.89 -9.50 4.49
CA GLN A 72 6.28 -9.63 5.84
C GLN A 72 5.29 -8.50 6.13
N GLU A 73 4.75 -8.47 7.35
CA GLU A 73 3.80 -7.39 7.74
C GLU A 73 4.38 -6.00 7.50
N GLU A 74 5.67 -5.81 7.76
CA GLU A 74 6.23 -4.48 7.57
C GLU A 74 6.15 -4.03 6.12
N ASP A 75 6.33 -4.99 5.20
CA ASP A 75 6.23 -4.72 3.77
C ASP A 75 4.81 -4.38 3.40
N VAL A 76 3.86 -5.13 3.94
CA VAL A 76 2.44 -4.84 3.72
C VAL A 76 2.13 -3.41 4.16
N GLU A 77 2.63 -3.00 5.33
CA GLU A 77 2.35 -1.63 5.81
C GLU A 77 2.93 -0.55 4.88
N ARG A 78 4.14 -0.77 4.37
CA ARG A 78 4.73 0.19 3.42
C ARG A 78 3.93 0.23 2.11
N LEU A 79 3.52 -0.96 1.63
CA LEU A 79 2.70 -1.00 0.41
C LEU A 79 1.36 -0.32 0.59
N LEU A 80 0.81 -0.41 1.79
CA LEU A 80 -0.44 0.29 2.07
C LEU A 80 -0.30 1.83 1.99
N GLN A 81 0.94 2.31 1.93
CA GLN A 81 1.20 3.74 1.76
C GLN A 81 1.54 4.13 0.31
N ASN A 82 1.46 3.16 -0.61
CA ASN A 82 1.91 3.39 -1.98
C ASN A 82 0.68 3.67 -2.85
N THR A 83 0.56 4.92 -3.31
CA THR A 83 -0.63 5.35 -4.05
C THR A 83 -0.61 4.85 -5.47
N GLY A 84 0.52 4.28 -5.89
CA GLY A 84 0.62 3.71 -7.24
C GLY A 84 0.03 2.32 -7.41
N ILE A 85 -0.31 1.68 -6.29
CA ILE A 85 -1.04 0.41 -6.35
C ILE A 85 -2.42 0.57 -5.72
N ILE A 86 -3.13 -0.54 -5.51
CA ILE A 86 -4.42 -0.53 -4.83
C ILE A 86 -4.19 -0.76 -3.34
N ARG A 87 -4.48 0.28 -2.55
CA ARG A 87 -4.18 0.24 -1.12
C ARG A 87 -5.25 -0.50 -0.35
N HIS A 88 -5.15 -1.82 -0.38
CA HIS A 88 -6.16 -2.67 0.17
C HIS A 88 -5.40 -3.85 0.77
N ARG A 89 -5.57 -4.05 2.07
CA ARG A 89 -4.72 -5.01 2.76
C ARG A 89 -4.93 -6.44 2.25
N GLY A 90 -6.18 -6.85 2.05
CA GLY A 90 -6.41 -8.21 1.54
C GLY A 90 -5.81 -8.45 0.17
N LYS A 91 -5.90 -7.44 -0.71
CA LYS A 91 -5.34 -7.54 -2.04
C LYS A 91 -3.81 -7.60 -2.01
N ILE A 92 -3.17 -6.82 -1.15
CA ILE A 92 -1.69 -6.86 -1.06
C ILE A 92 -1.25 -8.20 -0.50
N GLN A 93 -1.92 -8.65 0.57
CA GLN A 93 -1.61 -9.94 1.16
C GLN A 93 -1.84 -11.08 0.19
N ALA A 94 -2.82 -10.93 -0.72
CA ALA A 94 -3.08 -12.00 -1.70
C ALA A 94 -1.90 -12.24 -2.64
N ILE A 95 -1.21 -11.17 -3.03
CA ILE A 95 -0.08 -11.35 -3.91
C ILE A 95 1.01 -12.15 -3.22
N ILE A 96 1.24 -11.84 -1.95
CA ILE A 96 2.22 -12.56 -1.12
C ILE A 96 1.79 -14.04 -0.92
N SER A 97 0.54 -14.29 -0.56
CA SER A 97 0.05 -15.67 -0.44
C SER A 97 0.20 -16.41 -1.79
N ASN A 98 -0.13 -15.72 -2.90
CA ASN A 98 -0.05 -16.36 -4.22
C ASN A 98 1.37 -16.72 -4.58
N ALA A 99 2.32 -15.89 -4.18
CA ALA A 99 3.73 -16.22 -4.44
C ALA A 99 4.16 -17.46 -3.70
N ARG A 100 3.74 -17.55 -2.45
CA ARG A 100 4.06 -18.70 -1.62
C ARG A 100 3.41 -19.96 -2.17
N ALA A 101 2.15 -19.84 -2.60
CA ALA A 101 1.44 -20.99 -3.14
C ALA A 101 2.08 -21.50 -4.42
N TRP A 102 2.51 -20.57 -5.27
CA TRP A 102 3.18 -20.87 -6.53
C TRP A 102 4.51 -21.53 -6.27
N LEU A 103 5.28 -20.97 -5.34
CA LEU A 103 6.54 -21.62 -4.96
C LEU A 103 6.37 -23.06 -4.51
N ALA A 104 5.36 -23.32 -3.68
CA ALA A 104 5.17 -24.67 -3.14
C ALA A 104 4.81 -25.68 -4.22
N MET A 105 4.09 -25.22 -5.24
CA MET A 105 3.91 -26.04 -6.44
C MET A 105 5.19 -26.26 -7.22
N GLU A 106 5.87 -25.17 -7.55
CA GLU A 106 7.00 -25.24 -8.46
C GLU A 106 8.15 -26.01 -7.82
N GLN A 107 8.31 -25.85 -6.49
CA GLN A 107 9.36 -26.58 -5.74
C GLN A 107 9.09 -28.07 -5.61
N ASN A 108 7.82 -28.45 -5.72
CA ASN A 108 7.40 -29.85 -5.71
C ASN A 108 7.39 -30.44 -7.11
N GLY A 109 7.94 -29.71 -8.08
CA GLY A 109 8.07 -30.19 -9.46
C GLY A 109 6.81 -29.98 -10.30
N GLU A 110 5.88 -29.17 -9.80
CA GLU A 110 4.63 -28.92 -10.50
C GLU A 110 4.65 -27.56 -11.21
N SER A 111 4.62 -27.55 -12.54
CA SER A 111 4.56 -26.27 -13.27
C SER A 111 3.20 -25.60 -13.12
N PHE A 112 3.21 -24.32 -12.78
CA PHE A 112 1.98 -23.55 -12.66
C PHE A 112 1.34 -23.45 -14.04
N ALA A 113 2.14 -23.40 -15.10
CA ALA A 113 1.60 -23.30 -16.46
C ALA A 113 0.86 -24.58 -16.83
N ASP A 114 1.48 -25.73 -16.57
CA ASP A 114 0.80 -27.02 -16.80
C ASP A 114 -0.52 -27.08 -16.02
N PHE A 115 -0.46 -26.67 -14.76
CA PHE A 115 -1.61 -26.68 -13.89
C PHE A 115 -2.75 -25.86 -14.47
N VAL A 116 -2.54 -24.57 -14.75
CA VAL A 116 -3.69 -23.78 -15.22
C VAL A 116 -4.20 -24.26 -16.57
N TRP A 117 -3.28 -24.68 -17.45
CA TRP A 117 -3.67 -25.09 -18.81
C TRP A 117 -4.48 -26.39 -18.79
N SER A 118 -4.29 -27.19 -17.74
CA SER A 118 -5.01 -28.45 -17.63
C SER A 118 -6.53 -28.22 -17.57
N PHE A 119 -6.94 -27.04 -17.11
CA PHE A 119 -8.38 -26.78 -16.95
C PHE A 119 -9.12 -26.49 -18.24
N VAL A 120 -8.37 -26.22 -19.31
CA VAL A 120 -8.95 -26.12 -20.66
C VAL A 120 -8.38 -27.22 -21.59
N ASP A 121 -8.02 -28.35 -20.99
CA ASP A 121 -7.63 -29.50 -21.77
C ASP A 121 -6.41 -29.18 -22.65
N GLY A 122 -5.60 -28.24 -22.21
CA GLY A 122 -4.34 -27.90 -22.87
C GLY A 122 -4.44 -27.11 -24.16
N GLN A 123 -5.65 -26.66 -24.53
CA GLN A 123 -5.84 -26.05 -25.86
C GLN A 123 -6.76 -24.83 -25.74
N PRO A 124 -6.36 -23.70 -26.36
CA PRO A 124 -7.22 -22.53 -26.28
C PRO A 124 -8.62 -22.85 -26.82
N GLN A 125 -9.64 -22.43 -26.09
CA GLN A 125 -11.02 -22.63 -26.50
C GLN A 125 -11.50 -21.33 -27.22
N ILE A 126 -11.74 -21.40 -28.53
CA ILE A 126 -12.10 -20.20 -29.34
C ILE A 126 -13.61 -19.97 -29.42
N THR A 127 -14.06 -18.77 -29.04
CA THR A 127 -15.48 -18.49 -29.01
C THR A 127 -16.10 -18.40 -30.39
N GLN A 128 -17.40 -18.69 -30.46
CA GLN A 128 -18.16 -18.40 -31.64
C GLN A 128 -19.12 -17.21 -31.46
N ALA A 129 -19.02 -16.52 -30.31
CA ALA A 129 -19.94 -15.40 -30.00
C ALA A 129 -19.67 -14.19 -30.90
N ALA A 130 -20.73 -13.61 -31.47
CA ALA A 130 -20.60 -12.38 -32.26
C ALA A 130 -20.77 -11.15 -31.37
N SER A 131 -21.28 -11.36 -30.17
CA SER A 131 -21.50 -10.28 -29.23
C SER A 131 -21.11 -10.66 -27.80
N LEU A 132 -20.69 -9.66 -27.04
CA LEU A 132 -20.28 -9.84 -25.65
C LEU A 132 -21.39 -10.44 -24.79
N ASP A 133 -22.65 -10.15 -25.09
CA ASP A 133 -23.72 -10.76 -24.30
C ASP A 133 -23.71 -12.27 -24.32
N LYS A 134 -23.14 -12.87 -25.37
CA LYS A 134 -23.13 -14.32 -25.46
C LYS A 134 -21.84 -14.91 -24.90
N ILE A 135 -21.03 -14.09 -24.24
CA ILE A 135 -19.77 -14.57 -23.63
C ILE A 135 -19.97 -14.66 -22.12
N PRO A 136 -19.64 -15.82 -21.51
CA PRO A 136 -19.88 -15.91 -20.08
C PRO A 136 -18.85 -15.09 -19.26
N THR A 137 -19.15 -14.92 -17.97
CA THR A 137 -18.15 -14.36 -17.05
C THR A 137 -17.58 -15.40 -16.06
N SER A 138 -18.14 -16.60 -16.09
CA SER A 138 -17.57 -17.75 -15.37
C SER A 138 -18.12 -19.02 -16.03
N THR A 139 -17.42 -20.13 -15.87
CA THR A 139 -17.81 -21.38 -16.51
C THR A 139 -17.51 -22.53 -15.55
N PRO A 140 -18.04 -23.74 -15.82
CA PRO A 140 -17.56 -24.93 -15.08
C PRO A 140 -16.03 -25.02 -14.98
N ALA A 141 -15.32 -24.71 -16.08
CA ALA A 141 -13.86 -24.76 -15.99
C ALA A 141 -13.30 -23.70 -15.06
N SER A 142 -13.78 -22.46 -15.14
CA SER A 142 -13.28 -21.49 -14.15
C SER A 142 -13.69 -21.84 -12.72
N ASP A 143 -14.85 -22.46 -12.52
CA ASP A 143 -15.22 -22.94 -11.18
C ASP A 143 -14.20 -23.98 -10.71
N ALA A 144 -13.80 -24.89 -11.61
CA ALA A 144 -12.87 -25.94 -11.22
C ALA A 144 -11.50 -25.36 -10.92
N LEU A 145 -11.07 -24.40 -11.74
CA LEU A 145 -9.77 -23.73 -11.51
C LEU A 145 -9.78 -22.95 -10.18
N ALA A 146 -10.88 -22.25 -9.90
CA ALA A 146 -10.99 -21.52 -8.63
C ALA A 146 -10.93 -22.47 -7.44
N LYS A 147 -11.65 -23.59 -7.51
CA LYS A 147 -11.65 -24.53 -6.39
C LYS A 147 -10.23 -25.06 -6.17
N ALA A 148 -9.55 -25.37 -7.25
CA ALA A 148 -8.18 -25.92 -7.14
C ALA A 148 -7.19 -24.88 -6.61
N LEU A 149 -7.27 -23.65 -7.11
CA LEU A 149 -6.37 -22.61 -6.65
C LEU A 149 -6.59 -22.33 -5.17
N LYS A 150 -7.85 -22.27 -4.74
CA LYS A 150 -8.16 -22.05 -3.33
C LYS A 150 -7.59 -23.17 -2.49
N LYS A 151 -7.77 -24.42 -2.90
CA LYS A 151 -7.27 -25.52 -2.11
C LYS A 151 -5.76 -25.48 -2.01
N ARG A 152 -5.10 -24.98 -3.05
CA ARG A 152 -3.64 -24.94 -3.08
C ARG A 152 -3.05 -23.67 -2.46
N GLY A 153 -3.91 -22.81 -1.91
CA GLY A 153 -3.44 -21.69 -1.11
C GLY A 153 -3.45 -20.31 -1.78
N PHE A 154 -4.05 -20.23 -2.96
CA PHE A 154 -4.10 -18.95 -3.65
C PHE A 154 -5.27 -18.14 -3.08
N LYS A 155 -5.17 -16.83 -3.26
CA LYS A 155 -6.12 -15.86 -2.70
C LYS A 155 -6.61 -14.93 -3.77
N PHE A 156 -7.83 -14.38 -3.58
CA PHE A 156 -8.45 -13.52 -4.61
C PHE A 156 -8.47 -14.24 -5.96
N VAL A 157 -9.01 -15.46 -5.94
CA VAL A 157 -9.10 -16.30 -7.14
C VAL A 157 -10.50 -16.94 -7.22
N GLY A 158 -11.52 -16.13 -7.00
CA GLY A 158 -12.88 -16.57 -7.24
C GLY A 158 -13.11 -16.95 -8.71
N THR A 159 -14.24 -17.59 -8.98
CA THR A 159 -14.45 -18.11 -10.32
C THR A 159 -14.47 -17.03 -11.43
N THR A 160 -15.01 -15.86 -11.13
CA THR A 160 -15.03 -14.77 -12.13
C THR A 160 -13.61 -14.22 -12.40
N ILE A 161 -12.82 -14.13 -11.33
CA ILE A 161 -11.41 -13.71 -11.46
C ILE A 161 -10.69 -14.73 -12.32
N CYS A 162 -10.93 -16.01 -12.07
CA CYS A 162 -10.25 -17.08 -12.82
C CYS A 162 -10.67 -17.08 -14.30
N TYR A 163 -11.95 -16.80 -14.59
CA TYR A 163 -12.37 -16.76 -15.99
C TYR A 163 -11.75 -15.56 -16.69
N SER A 164 -11.69 -14.40 -16.02
CA SER A 164 -10.99 -13.25 -16.62
C SER A 164 -9.53 -13.56 -16.90
N PHE A 165 -8.88 -14.23 -15.97
CA PHE A 165 -7.49 -14.69 -16.17
C PHE A 165 -7.39 -15.65 -17.37
N MET A 166 -8.32 -16.60 -17.46
CA MET A 166 -8.33 -17.51 -18.62
C MET A 166 -8.43 -16.76 -19.96
N GLN A 167 -9.28 -15.75 -19.99
CA GLN A 167 -9.43 -14.89 -21.18
C GLN A 167 -8.17 -14.12 -21.49
N ALA A 168 -7.61 -13.50 -20.45
CA ALA A 168 -6.49 -12.59 -20.60
C ALA A 168 -5.26 -13.35 -21.10
N CYS A 169 -5.09 -14.56 -20.59
CA CYS A 169 -3.92 -15.34 -20.91
C CYS A 169 -4.17 -16.37 -22.00
N GLY A 170 -5.32 -16.27 -22.67
CA GLY A 170 -5.53 -17.06 -23.88
C GLY A 170 -5.86 -18.51 -23.66
N LEU A 171 -6.15 -18.89 -22.41
CA LEU A 171 -6.70 -20.24 -22.16
C LEU A 171 -8.06 -20.42 -22.84
N VAL A 172 -8.84 -19.35 -22.89
CA VAL A 172 -9.94 -19.19 -23.84
C VAL A 172 -9.63 -17.96 -24.72
N ASN A 173 -10.11 -18.00 -25.97
CA ASN A 173 -10.00 -16.85 -26.86
C ASN A 173 -11.40 -16.32 -27.03
N ASP A 174 -11.71 -15.22 -26.32
CA ASP A 174 -13.07 -14.68 -26.30
C ASP A 174 -13.17 -13.35 -27.11
N HIS A 175 -12.27 -13.12 -28.08
CA HIS A 175 -12.54 -12.02 -29.03
C HIS A 175 -13.81 -12.36 -29.78
N ILE A 176 -14.69 -11.39 -29.96
CA ILE A 176 -15.91 -11.63 -30.75
C ILE A 176 -15.52 -11.92 -32.21
N THR A 177 -16.40 -12.58 -32.94
CA THR A 177 -16.04 -13.08 -34.28
C THR A 177 -15.80 -11.94 -35.24
N GLY A 178 -16.41 -10.79 -34.96
CA GLY A 178 -16.17 -9.59 -35.75
C GLY A 178 -14.87 -8.87 -35.48
N CYS A 179 -14.22 -9.17 -34.34
CA CYS A 179 -12.96 -8.47 -33.98
C CYS A 179 -11.82 -8.94 -34.89
N PHE A 180 -10.99 -7.98 -35.32
CA PHE A 180 -9.88 -8.31 -36.22
C PHE A 180 -8.89 -9.30 -35.57
N CYS A 181 -8.90 -9.39 -34.25
CA CYS A 181 -8.05 -10.34 -33.53
C CYS A 181 -8.63 -11.76 -33.47
N HIS A 182 -9.87 -11.94 -33.91
CA HIS A 182 -10.47 -13.28 -33.89
C HIS A 182 -9.83 -14.14 -35.01
N PRO A 183 -9.43 -15.39 -34.70
CA PRO A 183 -8.81 -16.32 -35.67
C PRO A 183 -9.54 -16.41 -37.01
N MET B 1 -19.63 -3.10 13.03
CA MET B 1 -18.33 -2.39 13.31
C MET B 1 -17.26 -2.75 12.28
N GLN B 2 -16.48 -1.74 11.89
CA GLN B 2 -15.44 -1.92 10.93
C GLN B 2 -14.38 -0.99 11.46
N ARG B 3 -13.13 -1.36 11.25
CA ARG B 3 -12.02 -0.43 11.47
C ARG B 3 -11.41 -0.10 10.16
N CYS B 4 -10.61 0.95 10.15
CA CYS B 4 -9.71 1.21 9.01
C CYS B 4 -8.94 -0.05 8.61
N ASP B 5 -8.80 -0.23 7.31
CA ASP B 5 -8.19 -1.45 6.72
C ASP B 5 -6.70 -1.55 6.93
N TRP B 6 -6.03 -0.44 7.22
CA TRP B 6 -4.56 -0.47 7.27
C TRP B 6 -4.02 -1.04 8.57
N VAL B 7 -4.86 -1.16 9.59
CA VAL B 7 -4.42 -1.72 10.86
C VAL B 7 -4.22 -3.24 10.72
N SER B 8 -3.24 -3.77 11.43
CA SER B 8 -3.02 -5.21 11.43
C SER B 8 -3.78 -5.84 12.59
N GLN B 9 -3.59 -7.14 12.77
CA GLN B 9 -4.15 -7.88 13.92
C GLN B 9 -3.37 -7.66 15.22
N ASP B 10 -2.22 -7.00 15.16
CA ASP B 10 -1.38 -6.81 16.35
C ASP B 10 -2.13 -5.94 17.36
N PRO B 11 -2.39 -6.46 18.58
CA PRO B 11 -3.13 -5.65 19.58
C PRO B 11 -2.55 -4.25 19.88
N LEU B 12 -1.22 -4.10 19.81
CA LEU B 12 -0.55 -2.80 19.99
C LEU B 12 -1.01 -1.82 18.92
N TYR B 13 -1.12 -2.32 17.68
CA TYR B 13 -1.51 -1.47 16.55
C TYR B 13 -3.03 -1.22 16.63
N ILE B 14 -3.81 -2.23 17.02
CA ILE B 14 -5.26 -2.02 17.16
C ILE B 14 -5.50 -0.93 18.20
N ALA B 15 -4.80 -1.00 19.33
CA ALA B 15 -4.99 -0.02 20.37
C ALA B 15 -4.57 1.37 19.89
N TYR B 16 -3.45 1.45 19.16
CA TYR B 16 -3.02 2.72 18.57
C TYR B 16 -4.12 3.33 17.67
N HIS B 17 -4.63 2.52 16.75
CA HIS B 17 -5.73 2.97 15.88
C HIS B 17 -6.95 3.45 16.67
N ASP B 18 -7.35 2.64 17.67
CA ASP B 18 -8.61 2.89 18.39
C ASP B 18 -8.50 4.06 19.36
N ASN B 19 -7.27 4.30 19.85
CA ASN B 19 -7.13 5.19 20.99
C ASN B 19 -6.45 6.50 20.71
N GLU B 20 -5.58 6.51 19.69
CA GLU B 20 -4.68 7.65 19.47
C GLU B 20 -4.83 8.27 18.08
N TRP B 21 -4.85 7.45 17.04
CA TRP B 21 -4.77 7.98 15.67
C TRP B 21 -5.98 8.80 15.36
N GLY B 22 -5.73 10.04 14.93
CA GLY B 22 -6.79 10.92 14.50
C GLY B 22 -7.47 11.66 15.65
N VAL B 23 -6.99 11.44 16.86
CA VAL B 23 -7.51 12.14 18.03
C VAL B 23 -6.80 13.49 18.13
N PRO B 24 -7.54 14.62 18.12
CA PRO B 24 -6.75 15.88 18.13
C PRO B 24 -5.82 16.00 19.33
N GLU B 25 -4.55 16.35 19.05
CA GLU B 25 -3.54 16.54 20.07
C GLU B 25 -3.15 18.01 20.06
N THR B 26 -3.24 18.68 21.20
CA THR B 26 -2.97 20.13 21.28
C THR B 26 -1.76 20.50 22.12
N ASP B 27 -1.10 19.53 22.75
CA ASP B 27 0.05 19.82 23.58
C ASP B 27 1.32 19.89 22.73
N SER B 28 2.08 20.97 22.85
CA SER B 28 3.27 21.11 21.96
C SER B 28 4.24 19.94 22.09
N ARG B 29 4.54 19.50 23.31
CA ARG B 29 5.55 18.46 23.48
C ARG B 29 5.09 17.13 22.89
N LYS B 30 3.80 16.79 23.07
CA LYS B 30 3.23 15.59 22.47
C LYS B 30 3.24 15.64 20.93
N LEU B 31 2.92 16.82 20.38
CA LEU B 31 3.02 17.01 18.93
C LEU B 31 4.45 16.90 18.44
N PHE B 32 5.38 17.51 19.18
CA PHE B 32 6.80 17.40 18.85
C PHE B 32 7.28 15.95 18.82
N GLU B 33 6.94 15.18 19.85
CA GLU B 33 7.28 13.77 19.88
C GLU B 33 6.76 13.08 18.61
N MET B 34 5.50 13.34 18.24
CA MET B 34 4.95 12.65 17.08
C MET B 34 5.61 13.06 15.77
N ILE B 35 5.98 14.34 15.58
CA ILE B 35 6.65 14.70 14.28
C ILE B 35 8.01 13.99 14.23
N CYS B 36 8.67 13.87 15.39
CA CYS B 36 9.92 13.11 15.43
C CYS B 36 9.69 11.63 15.13
N LEU B 37 8.70 11.00 15.73
CA LEU B 37 8.47 9.58 15.46
C LEU B 37 8.08 9.35 14.02
N GLU B 38 7.27 10.26 13.48
CA GLU B 38 6.94 10.13 12.05
C GLU B 38 8.17 10.20 11.17
N GLY B 39 9.13 11.04 11.53
CA GLY B 39 10.37 11.08 10.78
C GLY B 39 11.14 9.77 10.90
N GLN B 40 11.13 9.16 12.08
CA GLN B 40 11.85 7.88 12.28
C GLN B 40 11.27 6.76 11.42
N GLN B 41 10.01 6.90 10.99
CA GLN B 41 9.35 5.89 10.20
C GLN B 41 9.72 5.99 8.73
N ALA B 42 10.46 7.04 8.33
CA ALA B 42 10.75 7.21 6.90
C ALA B 42 11.40 5.95 6.29
N GLY B 43 10.79 5.40 5.24
CA GLY B 43 11.34 4.21 4.58
C GLY B 43 11.02 2.92 5.32
N LEU B 44 10.27 3.03 6.41
CA LEU B 44 9.93 1.89 7.25
C LEU B 44 8.43 1.80 7.42
N SER B 45 7.98 0.92 8.30
CA SER B 45 6.58 0.82 8.57
C SER B 45 6.29 1.45 9.94
N TRP B 46 5.06 1.86 10.19
CA TRP B 46 4.72 2.42 11.49
C TRP B 46 4.88 1.39 12.63
N ILE B 47 4.52 0.12 12.42
CA ILE B 47 4.63 -0.84 13.52
C ILE B 47 6.06 -0.88 14.07
N THR B 48 7.06 -0.73 13.22
CA THR B 48 8.43 -0.80 13.69
C THR B 48 8.70 0.31 14.73
N VAL B 49 8.23 1.51 14.42
CA VAL B 49 8.45 2.65 15.30
C VAL B 49 7.55 2.57 16.53
N LEU B 50 6.28 2.22 16.31
CA LEU B 50 5.35 2.09 17.42
C LEU B 50 5.86 1.13 18.51
N LYS B 51 6.34 -0.04 18.09
CA LYS B 51 6.89 -1.01 19.05
C LYS B 51 8.10 -0.45 19.82
N LYS B 52 8.75 0.58 19.26
CA LYS B 52 9.98 1.13 19.85
C LYS B 52 9.70 2.44 20.61
N ARG B 53 8.42 2.85 20.72
CA ARG B 53 8.10 4.18 21.23
C ARG B 53 8.57 4.37 22.67
N GLU B 54 8.33 3.39 23.54
CA GLU B 54 8.86 3.49 24.89
C GLU B 54 10.37 3.64 24.95
N ASN B 55 11.06 2.93 24.06
CA ASN B 55 12.51 3.07 23.99
C ASN B 55 12.93 4.48 23.53
N TYR B 56 12.23 5.06 22.55
CA TYR B 56 12.49 6.46 22.15
C TYR B 56 12.24 7.40 23.33
N ARG B 57 11.14 7.23 24.06
CA ARG B 57 10.91 8.12 25.21
C ARG B 57 12.03 8.00 26.28
N ALA B 58 12.60 6.81 26.45
CA ALA B 58 13.68 6.63 27.43
C ALA B 58 15.02 7.21 26.90
N CYS B 59 15.28 7.06 25.59
CA CYS B 59 16.55 7.46 24.92
C CYS B 59 16.62 8.99 24.77
N PHE B 60 15.47 9.63 24.57
CA PHE B 60 15.39 11.06 24.21
C PHE B 60 14.70 11.89 25.30
N HIS B 61 14.89 11.50 26.56
CA HIS B 61 14.48 12.38 27.66
C HIS B 61 13.00 12.77 27.63
N GLN B 62 12.15 11.79 27.30
CA GLN B 62 10.70 11.99 27.25
C GLN B 62 10.36 13.17 26.34
N PHE B 63 11.23 13.40 25.37
CA PHE B 63 11.00 14.46 24.37
C PHE B 63 11.07 15.87 24.92
N ASP B 64 11.80 16.04 26.04
CA ASP B 64 12.15 17.37 26.58
C ASP B 64 13.15 17.99 25.62
N PRO B 65 12.74 19.08 24.93
CA PRO B 65 13.62 19.64 23.89
C PRO B 65 14.89 20.27 24.48
N ILE B 66 14.83 20.76 25.72
CA ILE B 66 16.05 21.33 26.29
C ILE B 66 17.12 20.25 26.43
N ARG B 67 16.73 19.11 27.00
CA ARG B 67 17.70 18.02 27.18
C ARG B 67 18.15 17.42 25.84
N ILE B 68 17.21 17.28 24.90
CA ILE B 68 17.63 16.74 23.59
C ILE B 68 18.56 17.70 22.86
N ALA B 69 18.25 19.00 22.89
CA ALA B 69 19.08 19.99 22.19
C ALA B 69 20.54 19.98 22.67
N ALA B 70 20.78 19.61 23.94
CA ALA B 70 22.12 19.58 24.52
C ALA B 70 22.91 18.34 24.07
N MET B 71 22.28 17.41 23.36
CA MET B 71 23.00 16.21 22.92
C MET B 71 24.08 16.55 21.91
N GLN B 72 25.17 15.80 21.95
CA GLN B 72 26.34 16.02 21.11
C GLN B 72 26.73 14.75 20.37
N GLU B 73 27.83 14.81 19.62
CA GLU B 73 28.28 13.63 18.86
C GLU B 73 28.39 12.40 19.77
N GLU B 74 28.93 12.56 20.97
CA GLU B 74 29.10 11.42 21.86
C GLU B 74 27.75 10.75 22.14
N ASP B 75 26.70 11.55 22.31
CA ASP B 75 25.37 10.99 22.52
C ASP B 75 24.83 10.27 21.29
N VAL B 76 25.08 10.84 20.11
CA VAL B 76 24.66 10.23 18.86
C VAL B 76 25.34 8.86 18.75
N GLU B 77 26.63 8.82 19.08
CA GLU B 77 27.35 7.52 19.00
C GLU B 77 26.80 6.47 19.94
N ARG B 78 26.42 6.87 21.15
CA ARG B 78 25.81 5.91 22.10
C ARG B 78 24.43 5.44 21.61
N LEU B 79 23.67 6.37 21.08
CA LEU B 79 22.37 6.01 20.51
C LEU B 79 22.48 5.05 19.32
N LEU B 80 23.53 5.22 18.51
CA LEU B 80 23.76 4.31 17.42
C LEU B 80 24.09 2.90 17.87
N GLN B 81 24.35 2.72 19.17
CA GLN B 81 24.50 1.38 19.73
C GLN B 81 23.26 0.86 20.47
N ASN B 82 22.14 1.60 20.39
CA ASN B 82 20.94 1.22 21.11
C ASN B 82 20.01 0.46 20.19
N THR B 83 19.83 -0.84 20.44
CA THR B 83 19.03 -1.65 19.53
C THR B 83 17.53 -1.41 19.72
N GLY B 84 17.19 -0.62 20.75
CA GLY B 84 15.78 -0.33 21.04
C GLY B 84 15.23 0.79 20.16
N ILE B 85 16.09 1.52 19.44
CA ILE B 85 15.63 2.54 18.51
C ILE B 85 16.06 2.19 17.07
N ILE B 86 15.85 3.12 16.14
CA ILE B 86 16.30 2.90 14.79
C ILE B 86 17.73 3.45 14.70
N ARG B 87 18.69 2.58 14.40
CA ARG B 87 20.13 2.94 14.42
C ARG B 87 20.54 3.53 13.09
N HIS B 88 20.22 4.81 12.94
CA HIS B 88 20.37 5.53 11.67
C HIS B 88 20.83 6.92 12.05
N ARG B 89 22.03 7.29 11.62
CA ARG B 89 22.64 8.52 12.08
C ARG B 89 21.78 9.75 11.74
N GLY B 90 21.35 9.82 10.47
CA GLY B 90 20.49 10.95 10.03
C GLY B 90 19.23 11.09 10.88
N LYS B 91 18.60 9.97 11.15
CA LYS B 91 17.37 9.97 11.92
C LYS B 91 17.61 10.40 13.39
N ILE B 92 18.68 9.90 14.01
CA ILE B 92 18.94 10.31 15.40
C ILE B 92 19.29 11.81 15.42
N GLN B 93 20.15 12.24 14.50
CA GLN B 93 20.47 13.66 14.42
C GLN B 93 19.26 14.51 14.14
N ALA B 94 18.30 14.00 13.35
CA ALA B 94 17.05 14.75 13.07
C ALA B 94 16.32 15.11 14.33
N ILE B 95 16.23 14.17 15.28
CA ILE B 95 15.50 14.49 16.51
C ILE B 95 16.20 15.64 17.24
N ILE B 96 17.54 15.58 17.31
CA ILE B 96 18.30 16.64 17.98
C ILE B 96 18.12 17.98 17.22
N SER B 97 18.20 17.96 15.90
CA SER B 97 18.00 19.20 15.11
C SER B 97 16.59 19.74 15.33
N ASN B 98 15.60 18.84 15.40
CA ASN B 98 14.20 19.24 15.58
C ASN B 98 13.96 19.88 16.96
N ALA B 99 14.64 19.37 17.98
CA ALA B 99 14.52 19.97 19.32
C ALA B 99 15.12 21.39 19.29
N ARG B 100 16.28 21.55 18.67
CA ARG B 100 16.87 22.85 18.57
C ARG B 100 15.98 23.80 17.75
N ALA B 101 15.36 23.29 16.68
CA ALA B 101 14.48 24.12 15.86
C ALA B 101 13.28 24.57 16.65
N TRP B 102 12.71 23.67 17.46
CA TRP B 102 11.57 24.03 18.32
C TRP B 102 11.98 25.11 19.32
N LEU B 103 13.14 24.93 19.95
CA LEU B 103 13.58 25.97 20.89
C LEU B 103 13.74 27.34 20.23
N ALA B 104 14.24 27.33 18.99
CA ALA B 104 14.46 28.59 18.26
C ALA B 104 13.13 29.21 17.92
N MET B 105 12.13 28.41 17.57
CA MET B 105 10.76 28.94 17.31
C MET B 105 10.22 29.64 18.53
N GLU B 106 10.36 28.99 19.69
CA GLU B 106 9.87 29.55 20.92
C GLU B 106 10.60 30.85 21.27
N GLN B 107 11.89 31.02 20.88
CA GLN B 107 12.56 32.32 21.11
C GLN B 107 11.89 33.48 20.40
N ASN B 108 11.14 33.14 19.35
CA ASN B 108 10.45 34.18 18.61
C ASN B 108 8.98 34.28 19.02
N GLY B 109 8.58 33.51 20.02
CA GLY B 109 7.19 33.50 20.50
C GLY B 109 6.26 32.62 19.67
N GLU B 110 6.83 31.75 18.84
CA GLU B 110 6.00 30.83 18.07
C GLU B 110 5.80 29.50 18.80
N SER B 111 4.58 29.24 19.26
CA SER B 111 4.24 27.95 19.87
C SER B 111 4.17 26.84 18.83
N PHE B 112 4.75 25.69 19.15
CA PHE B 112 4.75 24.58 18.19
C PHE B 112 3.31 24.15 17.87
N ALA B 113 2.49 24.02 18.92
CA ALA B 113 1.11 23.61 18.75
C ALA B 113 0.33 24.61 17.91
N ASP B 114 0.45 25.91 18.19
CA ASP B 114 -0.28 26.88 17.37
C ASP B 114 0.19 26.86 15.93
N PHE B 115 1.50 26.74 15.74
CA PHE B 115 2.10 26.74 14.43
C PHE B 115 1.54 25.58 13.61
N VAL B 116 1.61 24.37 14.12
CA VAL B 116 1.15 23.26 13.27
C VAL B 116 -0.35 23.33 12.99
N TRP B 117 -1.12 23.71 14.02
CA TRP B 117 -2.57 23.78 13.89
C TRP B 117 -3.00 24.88 12.92
N SER B 118 -2.13 25.87 12.70
CA SER B 118 -2.47 26.95 11.77
C SER B 118 -2.66 26.44 10.34
N PHE B 119 -2.06 25.30 10.01
CA PHE B 119 -2.13 24.78 8.65
C PHE B 119 -3.45 24.14 8.32
N VAL B 120 -4.27 23.92 9.35
CA VAL B 120 -5.66 23.46 9.13
C VAL B 120 -6.63 24.45 9.75
N ASP B 121 -6.19 25.70 9.91
CA ASP B 121 -7.03 26.76 10.45
C ASP B 121 -7.60 26.41 11.83
N GLY B 122 -6.82 25.65 12.60
CA GLY B 122 -7.16 25.33 13.97
C GLY B 122 -8.28 24.34 14.18
N GLN B 123 -8.77 23.70 13.12
CA GLN B 123 -9.84 22.72 13.21
C GLN B 123 -9.57 21.44 12.43
N PRO B 124 -9.84 20.25 13.04
CA PRO B 124 -9.61 19.01 12.29
C PRO B 124 -10.37 18.99 10.99
N GLN B 125 -9.68 18.56 9.93
CA GLN B 125 -10.34 18.34 8.63
C GLN B 125 -10.78 16.88 8.48
N ILE B 126 -12.09 16.69 8.52
CA ILE B 126 -12.71 15.35 8.61
C ILE B 126 -12.93 14.79 7.20
N THR B 127 -12.39 13.61 6.90
CA THR B 127 -12.54 13.01 5.57
C THR B 127 -13.96 12.54 5.22
N GLN B 128 -14.27 12.48 3.93
CA GLN B 128 -15.49 11.82 3.51
C GLN B 128 -15.20 10.53 2.74
N ALA B 129 -13.94 10.10 2.76
CA ALA B 129 -13.52 8.92 2.04
C ALA B 129 -14.02 7.62 2.66
N ALA B 130 -14.49 6.72 1.81
CA ALA B 130 -15.02 5.41 2.27
C ALA B 130 -13.97 4.31 2.23
N SER B 131 -12.89 4.59 1.53
CA SER B 131 -11.78 3.64 1.43
C SER B 131 -10.47 4.37 1.40
N LEU B 132 -9.44 3.64 1.80
CA LEU B 132 -8.08 4.16 1.85
C LEU B 132 -7.56 4.62 0.47
N ASP B 133 -8.01 4.00 -0.61
CA ASP B 133 -7.60 4.47 -1.96
C ASP B 133 -7.96 5.92 -2.24
N LYS B 134 -8.97 6.44 -1.53
CA LYS B 134 -9.39 7.82 -1.79
C LYS B 134 -8.86 8.80 -0.75
N ILE B 135 -7.90 8.33 0.04
CA ILE B 135 -7.28 9.17 1.07
C ILE B 135 -5.90 9.51 0.54
N PRO B 136 -5.52 10.79 0.55
CA PRO B 136 -4.20 11.14 0.00
C PRO B 136 -3.07 10.76 0.92
N THR B 137 -1.84 10.80 0.40
CA THR B 137 -0.65 10.67 1.28
C THR B 137 0.08 12.00 1.50
N SER B 138 -0.36 13.05 0.82
CA SER B 138 0.14 14.39 1.02
C SER B 138 -0.91 15.32 0.42
N THR B 139 -0.92 16.57 0.87
CA THR B 139 -1.93 17.54 0.45
C THR B 139 -1.26 18.89 0.37
N PRO B 140 -1.96 19.85 -0.25
CA PRO B 140 -1.40 21.20 -0.20
C PRO B 140 -1.06 21.69 1.23
N ALA B 141 -1.87 21.31 2.22
CA ALA B 141 -1.58 21.73 3.61
C ALA B 141 -0.33 21.05 4.12
N SER B 142 -0.17 19.75 3.86
CA SER B 142 1.09 19.13 4.29
C SER B 142 2.31 19.64 3.53
N ASP B 143 2.15 19.99 2.26
CA ASP B 143 3.24 20.61 1.51
C ASP B 143 3.66 21.91 2.18
N ALA B 144 2.66 22.70 2.60
CA ALA B 144 2.94 23.99 3.22
C ALA B 144 3.60 23.81 4.60
N LEU B 145 3.06 22.88 5.39
CA LEU B 145 3.67 22.58 6.68
C LEU B 145 5.12 22.12 6.52
N ALA B 146 5.37 21.20 5.59
CA ALA B 146 6.76 20.73 5.36
C ALA B 146 7.71 21.84 5.03
N LYS B 147 7.33 22.71 4.09
CA LYS B 147 8.18 23.84 3.74
C LYS B 147 8.49 24.73 4.94
N ALA B 148 7.45 25.04 5.72
CA ALA B 148 7.58 25.94 6.85
C ALA B 148 8.50 25.31 7.92
N LEU B 149 8.36 23.98 8.14
CA LEU B 149 9.27 23.29 9.06
C LEU B 149 10.71 23.27 8.58
N LYS B 150 10.89 23.01 7.29
CA LYS B 150 12.24 22.96 6.74
C LYS B 150 12.87 24.32 6.88
N LYS B 151 12.13 25.41 6.63
CA LYS B 151 12.73 26.74 6.75
C LYS B 151 13.18 27.04 8.19
N ARG B 152 12.49 26.40 9.14
CA ARG B 152 12.79 26.55 10.56
C ARG B 152 13.89 25.61 11.05
N GLY B 153 14.44 24.78 10.15
CA GLY B 153 15.59 23.93 10.54
C GLY B 153 15.25 22.50 10.92
N PHE B 154 13.99 22.13 10.75
CA PHE B 154 13.59 20.76 11.06
C PHE B 154 14.08 19.82 9.98
N LYS B 155 14.23 18.55 10.35
CA LYS B 155 14.80 17.53 9.47
C LYS B 155 13.85 16.34 9.45
N PHE B 156 13.90 15.55 8.36
CA PHE B 156 12.97 14.42 8.21
C PHE B 156 11.50 14.88 8.38
N VAL B 157 11.16 15.93 7.66
CA VAL B 157 9.82 16.51 7.67
C VAL B 157 9.27 16.75 6.24
N GLY B 158 9.52 15.82 5.34
CA GLY B 158 8.95 15.95 3.99
C GLY B 158 7.43 15.95 4.03
N THR B 159 6.81 16.30 2.91
CA THR B 159 5.37 16.47 2.90
C THR B 159 4.62 15.17 3.27
N THR B 160 5.11 13.98 2.85
CA THR B 160 4.41 12.74 3.28
C THR B 160 4.52 12.47 4.78
N ILE B 161 5.69 12.74 5.36
CA ILE B 161 5.86 12.62 6.81
C ILE B 161 4.92 13.60 7.52
N CYS B 162 4.86 14.84 7.03
CA CYS B 162 3.99 15.83 7.65
C CYS B 162 2.52 15.43 7.55
N TYR B 163 2.12 14.85 6.42
CA TYR B 163 0.72 14.43 6.31
C TYR B 163 0.40 13.28 7.28
N SER B 164 1.31 12.33 7.36
CA SER B 164 1.11 11.24 8.33
C SER B 164 1.02 11.79 9.75
N PHE B 165 1.86 12.77 10.07
CA PHE B 165 1.78 13.46 11.38
C PHE B 165 0.41 14.14 11.55
N MET B 166 -0.04 14.81 10.50
CA MET B 166 -1.35 15.50 10.60
C MET B 166 -2.47 14.51 10.86
N GLN B 167 -2.43 13.37 10.19
CA GLN B 167 -3.41 12.30 10.44
C GLN B 167 -3.33 11.77 11.86
N ALA B 168 -2.11 11.47 12.29
CA ALA B 168 -1.90 10.84 13.59
C ALA B 168 -2.40 11.72 14.74
N CYS B 169 -2.14 13.04 14.62
CA CYS B 169 -2.40 13.96 15.71
C CYS B 169 -3.73 14.68 15.51
N GLY B 170 -4.48 14.27 14.50
CA GLY B 170 -5.86 14.70 14.38
C GLY B 170 -6.06 16.06 13.75
N LEU B 171 -5.01 16.65 13.19
CA LEU B 171 -5.19 17.89 12.40
C LEU B 171 -6.06 17.56 11.19
N VAL B 172 -5.94 16.34 10.70
CA VAL B 172 -7.00 15.78 9.84
C VAL B 172 -7.48 14.49 10.47
N ASN B 173 -8.74 14.18 10.21
CA ASN B 173 -9.34 12.93 10.67
C ASN B 173 -9.59 12.08 9.44
N ASP B 174 -8.74 11.08 9.23
CA ASP B 174 -8.80 10.30 8.00
C ASP B 174 -9.22 8.85 8.28
N HIS B 175 -9.92 8.64 9.40
CA HIS B 175 -10.64 7.36 9.53
C HIS B 175 -11.64 7.26 8.37
N ILE B 176 -11.74 6.09 7.74
CA ILE B 176 -12.74 5.94 6.68
C ILE B 176 -14.13 6.06 7.28
N THR B 177 -15.09 6.43 6.46
CA THR B 177 -16.41 6.79 6.99
C THR B 177 -17.08 5.59 7.64
N GLY B 178 -16.70 4.39 7.19
CA GLY B 178 -17.21 3.15 7.80
C GLY B 178 -16.59 2.76 9.14
N CYS B 179 -15.46 3.36 9.51
CA CYS B 179 -14.80 3.02 10.77
C CYS B 179 -15.55 3.57 11.98
N PHE B 180 -15.61 2.78 13.05
CA PHE B 180 -16.37 3.22 14.23
C PHE B 180 -15.80 4.51 14.82
N CYS B 181 -14.54 4.84 14.48
CA CYS B 181 -13.89 6.05 15.00
C CYS B 181 -14.26 7.31 14.23
N HIS B 182 -14.88 7.16 13.07
CA HIS B 182 -15.15 8.34 12.23
C HIS B 182 -16.13 9.27 12.94
N PRO B 183 -15.78 10.56 13.15
CA PRO B 183 -16.73 11.44 13.83
C PRO B 183 -17.60 12.15 12.80
#